data_4ZGQ
#
_entry.id   4ZGQ
#
_cell.length_a   75.000
_cell.length_b   117.400
_cell.length_c   132.350
_cell.angle_alpha   90.00
_cell.angle_beta   90.00
_cell.angle_gamma   90.00
#
_symmetry.space_group_name_H-M   'C 2 2 21'
#
loop_
_entity.id
_entity.type
_entity.pdbx_description
1 polymer 'Cell division cycle protein 123'
2 polymer 'Eukaryotic translation initiation factor 2 subunit gamma'
#
loop_
_entity_poly.entity_id
_entity_poly.type
_entity_poly.pdbx_seq_one_letter_code
_entity_poly.pdbx_strand_id
1 'polypeptide(L)'
;GSSHHHHHHSSGLVPRGSHMTLILTKNQVLHCQFSSWYSLFRKLTPKAKVIKPIPATVLKYLHEDSIYVEQPMNTVEEVD
SEEDEESAPAYYPEREAIQLIEKAIKELGGAVVPKLNWSTPKDALWITTTGSLKCTTAEEVLLLLKSSDFVAHDLNHAFD
DCKDFDNADGSVPKDFSFELVLKEWFPMHASTEFRCFVKSKRLIAFCQRDDNYYEFLKENIDCYEKLISDLLKKLDTFPD
PDFVFDVYIHKDRAWLIDINPFYPRTDGLLFSWSELESMNSENMKPEIRLIPKGSMPSTGSAKYYTNRVPFDMIAASEGE
NLLEFAQKWQDLTNKSNE
;
A
2 'polypeptide(L)'
;DRLVGQVVGAKGHLPNIYTDIEINYFLLRRLLGVKTDGQKQAKVRKLEPNEVLMVNIGSTATGARVVAVKADMARLQLTS
PACTEINEKIALSRRIEKHWRLIGWATIKKGTTLEPIA
;
B
#
# COMPACT_ATOMS: atom_id res chain seq x y z
N THR A 21 -22.18 17.82 8.31
CA THR A 21 -20.91 17.76 7.56
C THR A 21 -19.84 17.03 8.39
N LEU A 22 -19.54 15.79 7.99
CA LEU A 22 -18.57 14.90 8.65
C LEU A 22 -17.16 15.52 8.71
N ILE A 23 -16.44 15.23 9.80
CA ILE A 23 -15.09 15.72 10.06
C ILE A 23 -14.16 14.66 10.64
N LEU A 24 -12.83 14.89 10.53
CA LEU A 24 -11.76 14.04 11.06
C LEU A 24 -11.21 14.67 12.34
N THR A 25 -11.00 13.84 13.38
CA THR A 25 -10.49 14.25 14.69
C THR A 25 -9.16 13.57 15.00
N LYS A 26 -8.38 14.17 15.93
CA LYS A 26 -7.07 13.71 16.40
C LYS A 26 -7.09 12.24 16.89
N ASN A 27 -8.09 11.89 17.73
CA ASN A 27 -8.26 10.55 18.30
C ASN A 27 -8.75 9.49 17.29
N GLN A 28 -9.51 9.92 16.25
CA GLN A 28 -9.99 9.03 15.19
C GLN A 28 -8.78 8.41 14.46
N VAL A 29 -7.72 9.21 14.30
CA VAL A 29 -6.45 8.83 13.65
C VAL A 29 -5.64 7.97 14.65
N LEU A 30 -5.59 8.41 15.92
CA LEU A 30 -4.86 7.71 16.98
C LEU A 30 -5.33 6.29 17.19
N HIS A 31 -6.65 6.05 17.16
CA HIS A 31 -7.25 4.74 17.39
C HIS A 31 -7.04 3.78 16.22
N CYS A 32 -6.81 4.33 15.01
CA CYS A 32 -6.59 3.55 13.79
C CYS A 32 -5.17 3.04 13.67
N GLN A 33 -4.28 3.45 14.62
CA GLN A 33 -2.88 3.02 14.70
C GLN A 33 -2.89 1.54 14.94
N PHE A 34 -2.07 0.79 14.18
CA PHE A 34 -2.03 -0.67 14.29
C PHE A 34 -2.05 -1.19 15.74
N SER A 35 -1.11 -0.71 16.59
CA SER A 35 -1.02 -1.07 18.01
C SER A 35 -2.31 -0.77 18.77
N SER A 36 -2.90 0.42 18.50
CA SER A 36 -4.13 0.90 19.14
C SER A 36 -5.35 -0.04 18.99
N TRP A 37 -5.41 -0.83 17.90
CA TRP A 37 -6.54 -1.73 17.71
C TRP A 37 -6.16 -3.22 17.67
N TYR A 38 -4.88 -3.55 17.36
CA TYR A 38 -4.41 -4.94 17.32
C TYR A 38 -4.56 -5.55 18.70
N SER A 39 -4.10 -4.79 19.72
CA SER A 39 -4.20 -5.12 21.14
C SER A 39 -5.61 -5.61 21.50
N LEU A 40 -6.65 -4.90 21.02
CA LEU A 40 -8.06 -5.17 21.24
C LEU A 40 -8.52 -6.45 20.53
N PHE A 41 -8.21 -6.56 19.22
CA PHE A 41 -8.70 -7.66 18.37
C PHE A 41 -7.59 -8.58 17.81
N ARG A 42 -6.72 -9.10 18.70
CA ARG A 42 -5.59 -10.00 18.37
C ARG A 42 -6.05 -11.32 17.72
N LYS A 43 -7.06 -11.97 18.34
CA LYS A 43 -7.65 -13.25 17.91
C LYS A 43 -8.34 -13.16 16.55
N LEU A 44 -8.78 -11.93 16.15
CA LEU A 44 -9.54 -11.60 14.93
C LEU A 44 -8.70 -11.20 13.71
N THR A 45 -7.40 -10.96 13.92
CA THR A 45 -6.52 -10.50 12.86
C THR A 45 -5.29 -11.43 12.73
N PRO A 46 -4.84 -11.71 11.47
CA PRO A 46 -3.69 -12.62 11.28
C PRO A 46 -2.37 -12.11 11.87
N LYS A 47 -1.53 -13.08 12.35
CA LYS A 47 -0.25 -12.93 13.06
C LYS A 47 0.63 -11.79 12.58
N ALA A 48 1.11 -11.00 13.53
CA ALA A 48 1.98 -9.86 13.27
C ALA A 48 2.93 -9.62 14.45
N LYS A 49 3.95 -8.81 14.21
CA LYS A 49 4.90 -8.40 15.23
C LYS A 49 5.00 -6.91 15.11
N VAL A 50 4.90 -6.19 16.23
CA VAL A 50 4.97 -4.74 16.25
C VAL A 50 6.20 -4.25 17.01
N ILE A 51 7.12 -3.59 16.30
CA ILE A 51 8.30 -3.00 16.92
C ILE A 51 7.89 -1.54 17.19
N LYS A 52 7.65 -1.21 18.48
CA LYS A 52 7.20 0.13 18.89
C LYS A 52 7.93 0.60 20.13
N PRO A 53 8.59 1.78 20.09
CA PRO A 53 8.73 2.70 18.94
C PRO A 53 9.72 2.21 17.89
N ILE A 54 9.51 2.62 16.62
CA ILE A 54 10.39 2.27 15.49
C ILE A 54 11.87 2.59 15.82
N PRO A 55 12.85 1.68 15.55
CA PRO A 55 14.27 2.01 15.84
C PRO A 55 14.70 3.36 15.20
N ALA A 56 15.30 4.28 16.01
CA ALA A 56 15.71 5.62 15.57
C ALA A 56 16.53 5.61 14.28
N THR A 57 17.44 4.63 14.14
CA THR A 57 18.31 4.40 12.99
C THR A 57 17.48 4.12 11.70
N VAL A 58 16.43 3.30 11.86
CA VAL A 58 15.48 2.94 10.82
C VAL A 58 14.68 4.18 10.42
N LEU A 59 14.22 4.98 11.43
CA LEU A 59 13.46 6.22 11.18
C LEU A 59 14.35 7.26 10.46
N LYS A 60 15.58 7.44 10.99
CA LYS A 60 16.61 8.34 10.46
C LYS A 60 16.81 8.01 8.99
N TYR A 61 17.09 6.71 8.68
CA TYR A 61 17.30 6.24 7.32
C TYR A 61 16.06 6.49 6.47
N LEU A 62 14.88 6.18 7.03
CA LEU A 62 13.62 6.38 6.34
C LEU A 62 13.45 7.83 5.86
N HIS A 63 13.84 8.83 6.68
CA HIS A 63 13.74 10.26 6.34
C HIS A 63 14.79 10.77 5.35
N GLU A 64 15.89 10.05 5.13
CA GLU A 64 16.96 10.43 4.17
C GLU A 64 16.41 10.39 2.76
N ASP A 65 16.84 11.29 1.87
CA ASP A 65 16.25 11.09 0.55
C ASP A 65 17.19 10.19 -0.28
N SER A 66 16.55 9.46 -1.23
CA SER A 66 17.03 8.41 -2.13
C SER A 66 17.07 7.07 -1.39
N ILE A 67 17.14 5.97 -2.15
CA ILE A 67 17.18 4.68 -1.50
C ILE A 67 18.59 4.11 -1.57
N TYR A 68 19.36 4.27 -0.50
CA TYR A 68 20.71 3.71 -0.47
C TYR A 68 20.70 2.31 0.11
N VAL A 69 21.44 1.40 -0.52
CA VAL A 69 21.58 -0.02 -0.18
C VAL A 69 23.06 -0.34 0.08
N GLU A 70 23.37 -1.21 1.08
CA GLU A 70 24.78 -1.55 1.38
C GLU A 70 25.43 -2.58 0.42
N GLN A 71 24.62 -3.55 -0.14
CA GLN A 71 25.02 -4.66 -1.04
C GLN A 71 26.21 -4.37 -1.98
N PRO A 89 29.68 7.78 3.69
CA PRO A 89 29.01 8.99 3.22
C PRO A 89 27.52 8.81 2.89
N ALA A 90 27.00 7.54 2.94
CA ALA A 90 25.59 7.19 2.67
C ALA A 90 25.04 6.45 3.89
N TYR A 91 23.90 6.89 4.43
CA TYR A 91 23.32 6.27 5.62
C TYR A 91 22.52 5.01 5.33
N TYR A 92 22.72 3.99 6.17
CA TYR A 92 22.03 2.72 6.16
C TYR A 92 21.78 2.35 7.62
N PRO A 93 20.63 1.73 7.99
CA PRO A 93 20.40 1.41 9.41
C PRO A 93 21.48 0.55 10.09
N GLU A 94 21.67 0.77 11.40
CA GLU A 94 22.64 0.09 12.27
C GLU A 94 22.43 -1.42 12.26
N ARG A 95 23.52 -2.22 12.29
CA ARG A 95 23.51 -3.70 12.31
C ARG A 95 22.49 -4.25 13.32
N GLU A 96 22.30 -3.54 14.45
CA GLU A 96 21.39 -3.89 15.54
C GLU A 96 19.94 -3.95 15.04
N ALA A 97 19.53 -2.92 14.29
CA ALA A 97 18.19 -2.82 13.71
C ALA A 97 17.93 -3.92 12.67
N ILE A 98 18.82 -4.10 11.65
CA ILE A 98 18.63 -5.10 10.60
C ILE A 98 18.56 -6.52 11.21
N GLN A 99 19.27 -6.76 12.33
CA GLN A 99 19.24 -8.04 13.03
C GLN A 99 17.88 -8.24 13.71
N LEU A 100 17.35 -7.18 14.38
CA LEU A 100 16.05 -7.20 15.05
C LEU A 100 14.86 -7.41 14.08
N ILE A 101 14.85 -6.72 12.91
CA ILE A 101 13.83 -6.89 11.85
C ILE A 101 13.89 -8.36 11.38
N GLU A 102 15.10 -8.83 11.04
CA GLU A 102 15.33 -10.21 10.56
C GLU A 102 14.90 -11.25 11.58
N LYS A 103 15.10 -10.95 12.90
CA LYS A 103 14.67 -11.81 14.02
C LYS A 103 13.14 -11.96 13.96
N ALA A 104 12.41 -10.84 13.79
CA ALA A 104 10.94 -10.85 13.68
C ALA A 104 10.47 -11.67 12.47
N ILE A 105 11.08 -11.45 11.28
CA ILE A 105 10.80 -12.13 9.99
C ILE A 105 10.80 -13.64 10.12
N LYS A 106 11.93 -14.23 10.56
CA LYS A 106 12.07 -15.68 10.67
C LYS A 106 11.16 -16.29 11.76
N GLU A 107 10.80 -15.48 12.77
CA GLU A 107 9.87 -15.84 13.85
C GLU A 107 8.44 -15.87 13.27
N LEU A 108 8.17 -15.12 12.18
CA LEU A 108 6.86 -15.08 11.50
C LEU A 108 6.85 -16.02 10.25
N GLY A 109 7.75 -17.01 10.28
CA GLY A 109 7.89 -18.02 9.24
C GLY A 109 8.58 -17.61 7.95
N GLY A 110 9.64 -16.81 8.06
CA GLY A 110 10.43 -16.40 6.90
C GLY A 110 9.91 -15.31 5.98
N ALA A 111 8.59 -15.12 5.86
CA ALA A 111 8.02 -14.08 4.98
C ALA A 111 7.04 -13.18 5.71
N VAL A 112 7.11 -11.87 5.40
CA VAL A 112 6.34 -10.83 6.06
C VAL A 112 5.82 -9.70 5.10
N VAL A 113 4.85 -8.90 5.59
CA VAL A 113 4.30 -7.73 4.92
C VAL A 113 4.51 -6.55 5.86
N PRO A 114 5.33 -5.56 5.43
CA PRO A 114 5.64 -4.42 6.31
C PRO A 114 4.65 -3.26 6.22
N LYS A 115 4.62 -2.45 7.27
CA LYS A 115 3.69 -1.33 7.39
C LYS A 115 4.24 -0.41 8.49
N LEU A 116 3.73 0.80 8.53
CA LEU A 116 4.02 1.70 9.63
C LEU A 116 2.72 1.75 10.48
N ASN A 117 2.41 2.87 11.12
CA ASN A 117 1.25 2.96 12.00
C ASN A 117 -0.09 2.79 11.30
N TRP A 118 -0.15 2.98 9.94
CA TRP A 118 -1.44 2.88 9.23
C TRP A 118 -1.40 2.26 7.83
N SER A 119 -0.71 2.92 6.87
CA SER A 119 -0.69 2.54 5.45
C SER A 119 0.34 1.48 5.07
N THR A 120 -0.13 0.52 4.25
CA THR A 120 0.62 -0.59 3.69
C THR A 120 1.25 -0.11 2.36
N PRO A 121 2.49 -0.54 2.02
CA PRO A 121 3.11 -0.05 0.77
C PRO A 121 2.56 -0.63 -0.54
N LYS A 122 1.23 -0.85 -0.63
CA LYS A 122 0.51 -1.44 -1.78
C LYS A 122 0.83 -0.76 -3.12
N ASP A 123 1.24 0.54 -3.07
CA ASP A 123 1.59 1.36 -4.24
C ASP A 123 2.96 1.06 -4.80
N ALA A 124 3.84 0.45 -3.99
CA ALA A 124 5.25 0.18 -4.34
C ALA A 124 5.57 -1.25 -4.82
N LEU A 125 4.58 -2.02 -5.26
CA LEU A 125 4.82 -3.38 -5.75
C LEU A 125 5.82 -3.53 -6.93
N TRP A 126 6.13 -2.42 -7.62
CA TRP A 126 7.03 -2.38 -8.77
C TRP A 126 8.47 -2.54 -8.35
N ILE A 127 8.79 -2.07 -7.12
CA ILE A 127 10.15 -2.11 -6.60
C ILE A 127 10.48 -3.50 -6.11
N THR A 128 9.45 -4.27 -5.63
CA THR A 128 9.52 -5.63 -5.10
C THR A 128 10.04 -6.60 -6.13
N THR A 129 10.66 -7.72 -5.67
CA THR A 129 11.30 -8.71 -6.56
C THR A 129 10.30 -9.69 -7.18
N THR A 130 9.10 -9.82 -6.59
CA THR A 130 8.06 -10.72 -7.12
C THR A 130 6.67 -10.06 -7.33
N GLY A 131 6.62 -8.73 -7.30
CA GLY A 131 5.36 -8.01 -7.51
C GLY A 131 4.31 -8.11 -6.41
N SER A 132 4.71 -8.51 -5.21
CA SER A 132 3.82 -8.63 -4.05
C SER A 132 4.47 -7.94 -2.87
N LEU A 133 3.69 -7.66 -1.81
CA LEU A 133 4.24 -7.07 -0.60
C LEU A 133 5.14 -8.02 0.23
N LYS A 134 5.38 -9.28 -0.23
CA LYS A 134 6.21 -10.28 0.46
C LYS A 134 7.62 -9.78 0.69
N CYS A 135 8.15 -10.03 1.90
CA CYS A 135 9.48 -9.60 2.31
C CYS A 135 10.17 -10.67 3.14
N THR A 136 11.22 -11.25 2.57
CA THR A 136 12.03 -12.30 3.18
C THR A 136 13.28 -11.72 3.88
N THR A 137 13.77 -10.56 3.39
CA THR A 137 14.95 -9.88 3.92
C THR A 137 14.58 -8.48 4.46
N ALA A 138 15.43 -7.95 5.39
CA ALA A 138 15.26 -6.62 5.97
C ALA A 138 15.45 -5.54 4.91
N GLU A 139 16.27 -5.82 3.89
CA GLU A 139 16.54 -4.91 2.78
C GLU A 139 15.27 -4.72 1.95
N GLU A 140 14.60 -5.86 1.64
CA GLU A 140 13.34 -5.92 0.91
C GLU A 140 12.29 -5.04 1.59
N VAL A 141 12.21 -5.13 2.96
CA VAL A 141 11.31 -4.35 3.82
C VAL A 141 11.54 -2.85 3.64
N LEU A 142 12.81 -2.40 3.80
CA LEU A 142 13.25 -1.01 3.70
C LEU A 142 12.96 -0.43 2.34
N LEU A 143 13.28 -1.20 1.28
CA LEU A 143 13.08 -0.85 -0.12
C LEU A 143 11.65 -0.48 -0.42
N LEU A 144 10.72 -1.25 0.15
CA LEU A 144 9.27 -1.10 0.05
C LEU A 144 8.82 0.16 0.80
N LEU A 145 9.17 0.29 2.09
CA LEU A 145 8.83 1.43 2.95
C LEU A 145 9.38 2.74 2.44
N LYS A 146 10.62 2.72 1.94
CA LYS A 146 11.29 3.90 1.39
C LYS A 146 10.66 4.49 0.12
N SER A 147 10.23 3.60 -0.83
CA SER A 147 9.65 3.97 -2.13
C SER A 147 8.12 4.10 -2.17
N SER A 148 7.45 3.90 -1.01
CA SER A 148 6.00 4.02 -0.91
C SER A 148 5.52 5.42 -0.55
N ASP A 149 4.52 5.91 -1.31
CA ASP A 149 3.91 7.22 -1.08
C ASP A 149 2.93 7.13 0.07
N PHE A 150 2.28 5.96 0.25
CA PHE A 150 1.37 5.71 1.37
C PHE A 150 2.10 5.77 2.74
N VAL A 151 3.31 5.16 2.80
CA VAL A 151 4.21 5.14 3.96
C VAL A 151 4.68 6.57 4.25
N ALA A 152 4.93 7.31 3.16
CA ALA A 152 5.38 8.70 3.19
C ALA A 152 4.28 9.58 3.75
N HIS A 153 3.00 9.27 3.39
CA HIS A 153 1.84 9.98 3.92
C HIS A 153 1.80 9.82 5.44
N ASP A 154 1.99 8.58 5.92
CA ASP A 154 2.04 8.21 7.34
C ASP A 154 3.10 9.05 8.07
N LEU A 155 4.24 9.35 7.39
CA LEU A 155 5.35 10.10 8.00
C LEU A 155 5.17 11.63 8.07
N ASN A 156 4.57 12.29 7.06
CA ASN A 156 4.45 13.75 7.11
C ASN A 156 3.05 14.33 6.75
N HIS A 157 2.00 13.49 6.76
CA HIS A 157 0.64 13.92 6.41
C HIS A 157 -0.42 13.18 7.22
N ALA A 158 -0.02 12.64 8.38
CA ALA A 158 -0.89 11.85 9.25
C ALA A 158 -2.08 12.63 9.84
N PHE A 159 -1.87 13.92 10.14
CA PHE A 159 -2.89 14.75 10.76
C PHE A 159 -3.18 16.01 9.91
N ASP A 160 -3.06 15.87 8.57
CA ASP A 160 -3.26 16.97 7.61
C ASP A 160 -4.73 17.42 7.44
N ASP A 161 -5.66 16.75 8.13
CA ASP A 161 -7.08 17.09 8.06
C ASP A 161 -7.74 17.24 9.45
N CYS A 162 -6.92 17.13 10.51
CA CYS A 162 -7.36 17.24 11.90
C CYS A 162 -7.70 18.66 12.34
N LYS A 163 -8.89 18.81 12.93
CA LYS A 163 -9.38 20.07 13.48
C LYS A 163 -8.80 20.28 14.88
N ASP A 164 -8.55 19.16 15.61
CA ASP A 164 -8.02 19.15 16.97
C ASP A 164 -6.51 19.35 17.06
N PHE A 165 -5.78 19.05 15.97
CA PHE A 165 -4.32 19.16 15.92
C PHE A 165 -3.84 20.23 14.93
N ASP A 166 -2.70 20.87 15.25
CA ASP A 166 -2.04 21.88 14.42
C ASP A 166 -0.68 21.33 13.98
N ASN A 167 -0.56 20.94 12.68
CA ASN A 167 0.66 20.40 12.10
C ASN A 167 1.78 21.46 12.01
N ALA A 168 2.47 21.66 13.15
CA ALA A 168 3.58 22.62 13.33
C ALA A 168 4.93 21.90 13.45
N ASP A 169 4.95 20.69 14.09
CA ASP A 169 6.17 19.89 14.28
C ASP A 169 5.90 18.37 14.20
N PRO A 173 3.64 14.81 18.27
CA PRO A 173 2.18 14.81 18.23
C PRO A 173 1.55 14.02 19.39
N LYS A 174 1.91 14.44 20.63
CA LYS A 174 1.53 13.90 21.96
C LYS A 174 2.39 12.67 22.34
N ASP A 175 1.82 11.72 23.12
CA ASP A 175 2.49 10.48 23.52
C ASP A 175 2.58 9.47 22.35
N PHE A 176 2.58 9.99 21.11
CA PHE A 176 2.65 9.22 19.86
C PHE A 176 4.08 8.93 19.44
N SER A 177 4.29 7.69 18.95
CA SER A 177 5.55 7.19 18.41
C SER A 177 5.25 6.34 17.16
N PHE A 178 6.10 6.45 16.12
CA PHE A 178 5.97 5.64 14.92
C PHE A 178 6.31 4.19 15.25
N GLU A 179 5.72 3.26 14.50
CA GLU A 179 5.91 1.83 14.71
C GLU A 179 6.14 1.13 13.38
N LEU A 180 6.91 0.03 13.42
CA LEU A 180 7.11 -0.81 12.24
C LEU A 180 6.29 -2.07 12.48
N VAL A 181 5.30 -2.29 11.64
CA VAL A 181 4.43 -3.44 11.78
C VAL A 181 4.83 -4.49 10.77
N LEU A 182 5.11 -5.70 11.26
CA LEU A 182 5.49 -6.81 10.41
C LEU A 182 4.45 -7.94 10.49
N LYS A 183 3.57 -8.00 9.48
CA LYS A 183 2.46 -8.99 9.43
C LYS A 183 2.93 -10.25 8.74
N GLU A 184 2.68 -11.44 9.33
CA GLU A 184 3.05 -12.73 8.75
C GLU A 184 2.38 -12.85 7.38
N TRP A 185 3.19 -12.99 6.33
CA TRP A 185 2.74 -13.12 4.95
C TRP A 185 2.01 -14.43 4.72
N PHE A 186 1.06 -14.40 3.79
CA PHE A 186 0.32 -15.56 3.32
C PHE A 186 -0.28 -15.26 1.94
N PRO A 187 -0.52 -16.28 1.08
CA PRO A 187 -1.21 -16.02 -0.20
C PRO A 187 -2.65 -15.55 0.03
N MET A 188 -2.86 -14.26 -0.17
CA MET A 188 -4.14 -13.61 0.07
C MET A 188 -4.86 -13.38 -1.24
N HIS A 189 -5.99 -14.08 -1.46
CA HIS A 189 -6.77 -13.86 -2.68
C HIS A 189 -7.59 -12.57 -2.60
N ALA A 190 -7.20 -11.56 -3.42
CA ALA A 190 -7.78 -10.21 -3.49
C ALA A 190 -9.27 -10.16 -3.87
N SER A 191 -9.86 -11.29 -4.28
CA SER A 191 -11.28 -11.37 -4.62
C SER A 191 -12.18 -11.29 -3.38
N THR A 192 -11.84 -12.07 -2.32
CA THR A 192 -12.62 -12.18 -1.08
C THR A 192 -12.27 -11.14 0.03
N GLU A 193 -11.64 -10.03 -0.37
CA GLU A 193 -11.32 -8.88 0.46
C GLU A 193 -12.47 -7.90 0.34
N PHE A 194 -12.94 -7.35 1.46
CA PHE A 194 -14.02 -6.37 1.44
C PHE A 194 -13.73 -5.20 2.35
N ARG A 195 -14.22 -4.03 1.95
CA ARG A 195 -14.12 -2.78 2.70
C ARG A 195 -15.50 -2.61 3.35
N CYS A 196 -15.54 -2.51 4.67
CA CYS A 196 -16.82 -2.43 5.35
C CYS A 196 -16.99 -1.14 6.12
N PHE A 197 -18.09 -0.44 5.84
CA PHE A 197 -18.42 0.88 6.38
C PHE A 197 -19.36 0.81 7.57
N VAL A 198 -19.01 1.52 8.67
CA VAL A 198 -19.77 1.51 9.95
C VAL A 198 -20.12 2.91 10.51
N LYS A 199 -21.43 3.23 10.60
CA LYS A 199 -21.90 4.50 11.17
C LYS A 199 -22.83 4.19 12.33
N SER A 200 -22.47 4.75 13.51
CA SER A 200 -23.15 4.58 14.81
C SER A 200 -23.30 3.09 15.16
N LYS A 201 -22.14 2.37 15.12
CA LYS A 201 -21.96 0.93 15.43
C LYS A 201 -22.77 -0.02 14.51
N ARG A 202 -23.48 0.52 13.49
CA ARG A 202 -24.29 -0.28 12.57
C ARG A 202 -23.57 -0.43 11.23
N LEU A 203 -23.66 -1.62 10.59
CA LEU A 203 -23.02 -1.85 9.29
C LEU A 203 -23.83 -1.15 8.21
N ILE A 204 -23.30 -0.03 7.72
CA ILE A 204 -23.93 0.82 6.70
C ILE A 204 -23.94 0.14 5.34
N ALA A 205 -22.74 -0.20 4.85
CA ALA A 205 -22.52 -0.81 3.56
C ALA A 205 -21.15 -1.52 3.56
N PHE A 206 -20.92 -2.37 2.55
CA PHE A 206 -19.64 -3.04 2.32
C PHE A 206 -19.47 -3.34 0.86
N CYS A 207 -18.24 -3.26 0.36
CA CYS A 207 -17.95 -3.54 -1.05
C CYS A 207 -16.65 -4.33 -1.27
N GLN A 208 -16.51 -4.89 -2.46
CA GLN A 208 -15.36 -5.62 -2.95
C GLN A 208 -14.19 -4.63 -2.99
N ARG A 209 -12.98 -5.06 -2.53
CA ARG A 209 -11.76 -4.23 -2.47
C ARG A 209 -11.05 -4.14 -3.84
N ASP A 210 -11.01 -5.26 -4.57
CA ASP A 210 -10.47 -5.37 -5.93
C ASP A 210 -11.38 -4.62 -6.96
N ASP A 211 -10.94 -4.53 -8.24
CA ASP A 211 -11.74 -3.87 -9.28
C ASP A 211 -12.13 -4.82 -10.47
N ASN A 212 -11.81 -6.14 -10.35
CA ASN A 212 -12.16 -7.20 -11.32
C ASN A 212 -13.48 -7.89 -10.97
N TYR A 213 -14.17 -8.45 -11.99
CA TYR A 213 -15.41 -9.19 -11.80
C TYR A 213 -15.10 -10.64 -11.44
N TYR A 214 -15.75 -11.15 -10.38
CA TYR A 214 -15.66 -12.54 -9.94
C TYR A 214 -17.08 -13.07 -9.83
N GLU A 215 -17.39 -14.06 -10.69
CA GLU A 215 -18.70 -14.72 -10.84
C GLU A 215 -19.10 -15.44 -9.55
N PHE A 216 -18.13 -16.09 -8.87
CA PHE A 216 -18.36 -16.84 -7.64
C PHE A 216 -18.70 -15.96 -6.41
N LEU A 217 -18.69 -14.61 -6.54
CA LEU A 217 -18.99 -13.74 -5.40
C LEU A 217 -20.48 -13.65 -5.13
N LYS A 218 -21.30 -13.40 -6.17
CA LYS A 218 -22.76 -13.34 -6.10
C LYS A 218 -23.36 -14.67 -5.59
N GLU A 219 -22.62 -15.78 -5.73
CA GLU A 219 -22.98 -17.11 -5.23
C GLU A 219 -22.92 -17.18 -3.69
N ASN A 220 -21.86 -16.61 -3.06
CA ASN A 220 -21.69 -16.66 -1.61
C ASN A 220 -21.92 -15.32 -0.89
N ILE A 221 -22.29 -14.26 -1.62
CA ILE A 221 -22.47 -12.90 -1.10
C ILE A 221 -23.40 -12.81 0.14
N ASP A 222 -24.41 -13.67 0.23
CA ASP A 222 -25.30 -13.67 1.41
C ASP A 222 -24.59 -14.22 2.66
N CYS A 223 -23.68 -15.17 2.45
CA CYS A 223 -22.90 -15.81 3.49
C CYS A 223 -21.75 -14.92 3.98
N TYR A 224 -21.20 -14.09 3.09
CA TYR A 224 -20.16 -13.11 3.41
C TYR A 224 -20.82 -12.00 4.25
N GLU A 225 -22.02 -11.55 3.83
CA GLU A 225 -22.79 -10.53 4.51
C GLU A 225 -23.02 -10.94 5.98
N LYS A 226 -23.27 -12.25 6.22
CA LYS A 226 -23.45 -12.81 7.55
C LYS A 226 -22.09 -12.74 8.26
N LEU A 227 -21.03 -13.32 7.65
CA LEU A 227 -19.65 -13.35 8.17
C LEU A 227 -19.11 -11.98 8.62
N ILE A 228 -19.32 -10.95 7.77
CA ILE A 228 -18.81 -9.60 8.04
C ILE A 228 -19.66 -8.92 9.13
N SER A 229 -20.99 -9.15 9.13
CA SER A 229 -21.94 -8.62 10.14
C SER A 229 -21.63 -9.20 11.54
N ASP A 230 -21.36 -10.53 11.58
CA ASP A 230 -20.98 -11.28 12.76
C ASP A 230 -19.61 -10.88 13.29
N LEU A 231 -18.70 -10.40 12.41
CA LEU A 231 -17.38 -9.92 12.85
C LEU A 231 -17.49 -8.56 13.53
N LEU A 232 -18.33 -7.64 13.00
CA LEU A 232 -18.59 -6.31 13.55
C LEU A 232 -19.08 -6.38 15.02
N LYS A 233 -19.82 -7.47 15.34
CA LYS A 233 -20.33 -7.78 16.67
C LYS A 233 -19.15 -7.84 17.65
N LYS A 234 -18.01 -8.39 17.18
CA LYS A 234 -16.78 -8.58 17.94
C LYS A 234 -15.89 -7.33 17.95
N LEU A 235 -16.25 -6.33 17.13
CA LEU A 235 -15.56 -5.02 17.03
C LEU A 235 -16.27 -3.93 17.87
N ASP A 236 -17.11 -4.41 18.81
CA ASP A 236 -17.86 -3.59 19.77
C ASP A 236 -16.92 -2.86 20.76
N THR A 237 -15.74 -3.47 21.03
CA THR A 237 -14.77 -2.88 21.97
C THR A 237 -14.00 -1.72 21.29
N PHE A 238 -14.17 -1.49 19.95
CA PHE A 238 -13.52 -0.39 19.23
C PHE A 238 -14.03 0.97 19.74
N PRO A 239 -13.15 1.98 19.95
CA PRO A 239 -13.61 3.24 20.58
C PRO A 239 -14.45 4.23 19.73
N ASP A 240 -14.41 4.15 18.38
CA ASP A 240 -15.16 5.13 17.58
C ASP A 240 -16.51 4.58 17.05
N PRO A 241 -17.63 5.36 17.14
CA PRO A 241 -18.92 4.85 16.63
C PRO A 241 -19.01 4.81 15.09
N ASP A 242 -18.11 5.55 14.40
CA ASP A 242 -18.04 5.63 12.94
C ASP A 242 -16.63 5.28 12.45
N PHE A 243 -16.48 4.13 11.75
CA PHE A 243 -15.19 3.64 11.21
C PHE A 243 -15.33 2.74 9.96
N VAL A 244 -14.19 2.47 9.27
CA VAL A 244 -14.13 1.63 8.08
C VAL A 244 -13.13 0.47 8.30
N PHE A 245 -13.64 -0.78 8.36
CA PHE A 245 -12.79 -1.94 8.56
C PHE A 245 -12.62 -2.81 7.32
N ASP A 246 -11.39 -3.22 7.08
CA ASP A 246 -11.04 -4.06 5.95
C ASP A 246 -11.06 -5.48 6.42
N VAL A 247 -11.56 -6.37 5.58
CA VAL A 247 -11.77 -7.77 5.92
C VAL A 247 -11.33 -8.72 4.78
N TYR A 248 -10.94 -9.95 5.13
CA TYR A 248 -10.49 -10.97 4.20
C TYR A 248 -11.13 -12.29 4.56
N ILE A 249 -12.06 -12.77 3.72
CA ILE A 249 -12.79 -14.01 3.93
C ILE A 249 -12.12 -15.22 3.27
N HIS A 250 -11.73 -16.20 4.10
CA HIS A 250 -11.12 -17.42 3.62
C HIS A 250 -11.64 -18.53 4.47
N LYS A 251 -12.10 -19.63 3.83
CA LYS A 251 -12.62 -20.84 4.48
C LYS A 251 -13.71 -20.53 5.54
N ASP A 252 -14.75 -19.75 5.15
CA ASP A 252 -15.87 -19.34 6.03
C ASP A 252 -15.36 -18.62 7.33
N ARG A 253 -14.36 -17.73 7.16
CA ARG A 253 -13.76 -16.99 8.27
C ARG A 253 -13.48 -15.57 7.79
N ALA A 254 -14.17 -14.57 8.39
CA ALA A 254 -13.96 -13.16 7.98
C ALA A 254 -12.82 -12.53 8.81
N TRP A 255 -11.62 -12.43 8.21
CA TRP A 255 -10.44 -11.92 8.89
C TRP A 255 -10.35 -10.40 8.86
N LEU A 256 -10.06 -9.76 10.02
CA LEU A 256 -9.84 -8.31 10.11
C LEU A 256 -8.43 -8.05 9.56
N ILE A 257 -8.30 -7.03 8.71
CA ILE A 257 -7.03 -6.67 8.07
C ILE A 257 -6.54 -5.28 8.55
N ASP A 258 -7.46 -4.30 8.59
CA ASP A 258 -7.17 -2.94 9.00
C ASP A 258 -8.45 -2.25 9.44
N ILE A 259 -8.27 -1.04 10.01
CA ILE A 259 -9.28 -0.08 10.44
C ILE A 259 -8.77 1.34 10.06
N ASN A 260 -9.63 2.09 9.35
CA ASN A 260 -9.35 3.45 8.90
C ASN A 260 -10.56 4.31 9.29
N PRO A 261 -10.42 5.66 9.46
CA PRO A 261 -11.57 6.46 9.90
C PRO A 261 -12.72 6.56 8.91
N PHE A 262 -13.91 6.96 9.40
CA PHE A 262 -15.09 7.21 8.58
C PHE A 262 -14.91 8.70 8.19
N TYR A 263 -14.05 8.93 7.18
CA TYR A 263 -13.68 10.24 6.65
C TYR A 263 -13.19 10.09 5.20
N PRO A 264 -13.57 11.00 4.26
CA PRO A 264 -13.20 10.84 2.85
C PRO A 264 -11.72 10.62 2.51
N ARG A 265 -10.79 10.87 3.47
CA ARG A 265 -9.34 10.62 3.33
C ARG A 265 -9.13 9.13 3.02
N THR A 266 -9.97 8.26 3.64
CA THR A 266 -9.98 6.81 3.45
C THR A 266 -10.93 6.53 2.29
N ASP A 267 -10.40 5.88 1.24
CA ASP A 267 -11.07 5.55 -0.03
C ASP A 267 -12.41 4.79 0.15
N GLY A 268 -13.49 5.41 -0.30
CA GLY A 268 -14.84 4.84 -0.25
C GLY A 268 -15.11 3.76 -1.27
N LEU A 269 -14.16 3.54 -2.21
CA LEU A 269 -14.18 2.56 -3.30
C LEU A 269 -15.46 2.66 -4.19
N LEU A 270 -16.23 1.54 -4.35
CA LEU A 270 -17.46 1.44 -5.17
C LEU A 270 -18.61 2.32 -4.68
N PHE A 271 -18.47 2.90 -3.48
CA PHE A 271 -19.42 3.83 -2.89
C PHE A 271 -18.78 5.21 -2.88
N SER A 272 -19.58 6.25 -3.08
CA SER A 272 -19.10 7.63 -3.03
C SER A 272 -19.19 8.06 -1.57
N TRP A 273 -18.42 9.09 -1.18
CA TRP A 273 -18.49 9.51 0.21
C TRP A 273 -19.79 10.26 0.51
N SER A 274 -20.32 11.01 -0.49
CA SER A 274 -21.61 11.71 -0.39
C SER A 274 -22.74 10.66 -0.33
N GLU A 275 -22.52 9.49 -0.99
CA GLU A 275 -23.45 8.34 -0.99
C GLU A 275 -23.44 7.72 0.40
N LEU A 276 -22.23 7.58 1.01
CA LEU A 276 -22.03 7.00 2.34
C LEU A 276 -22.59 7.90 3.42
N GLU A 277 -22.51 9.22 3.22
CA GLU A 277 -23.09 10.19 4.15
C GLU A 277 -24.61 10.03 4.06
N SER A 278 -25.19 10.14 2.84
CA SER A 278 -26.62 9.98 2.57
C SER A 278 -27.02 8.50 2.64
N MET A 279 -26.97 7.95 3.86
CA MET A 279 -27.30 6.55 4.16
C MET A 279 -27.78 6.42 5.60
N ASN A 280 -28.83 5.62 5.79
CA ASN A 280 -29.41 5.36 7.11
C ASN A 280 -28.49 4.51 8.00
N SER A 281 -28.19 5.05 9.20
CA SER A 281 -27.37 4.39 10.21
C SER A 281 -28.25 3.60 11.21
N GLU A 282 -29.55 3.45 10.86
CA GLU A 282 -30.59 2.78 11.64
C GLU A 282 -31.37 1.74 10.81
N ASN A 283 -30.98 1.53 9.53
CA ASN A 283 -31.60 0.54 8.64
C ASN A 283 -31.00 -0.85 8.86
N MET A 284 -31.88 -1.84 9.10
CA MET A 284 -31.59 -3.26 9.38
C MET A 284 -30.65 -3.93 8.35
N LYS A 285 -30.74 -3.59 7.04
CA LYS A 285 -29.92 -4.22 6.01
C LYS A 285 -28.89 -3.27 5.32
N PRO A 286 -27.63 -3.72 5.14
CA PRO A 286 -26.62 -2.87 4.47
C PRO A 286 -26.53 -3.01 2.94
N GLU A 287 -26.10 -1.93 2.24
CA GLU A 287 -25.96 -1.93 0.78
C GLU A 287 -24.67 -2.59 0.33
N ILE A 288 -24.76 -3.52 -0.63
CA ILE A 288 -23.59 -4.25 -1.13
C ILE A 288 -23.29 -3.85 -2.56
N ARG A 289 -22.01 -3.67 -2.89
CA ARG A 289 -21.61 -3.33 -4.25
C ARG A 289 -20.43 -4.15 -4.74
N LEU A 290 -20.70 -5.05 -5.70
CA LEU A 290 -19.73 -5.93 -6.35
C LEU A 290 -19.44 -5.43 -7.78
N ILE A 291 -18.26 -5.79 -8.37
CA ILE A 291 -17.88 -5.37 -9.72
C ILE A 291 -18.77 -6.04 -10.78
N PRO A 292 -19.42 -5.26 -11.68
CA PRO A 292 -20.29 -5.87 -12.71
C PRO A 292 -19.53 -6.54 -13.88
N LYS A 293 -20.14 -7.64 -14.42
CA LYS A 293 -19.66 -8.52 -15.52
C LYS A 293 -19.24 -7.78 -16.80
N ALA A 316 -28.84 -18.76 -21.08
CA ALA A 316 -28.44 -19.64 -20.00
C ALA A 316 -29.47 -20.78 -19.80
N SER A 317 -29.29 -21.58 -18.74
CA SER A 317 -30.09 -22.78 -18.45
C SER A 317 -31.56 -22.52 -18.29
N GLU A 318 -32.39 -23.46 -18.78
CA GLU A 318 -33.86 -23.44 -18.64
C GLU A 318 -34.18 -23.20 -17.17
N GLY A 319 -33.44 -23.88 -16.29
CA GLY A 319 -33.58 -23.76 -14.85
C GLY A 319 -33.37 -22.34 -14.39
N GLU A 320 -32.20 -21.74 -14.73
CA GLU A 320 -31.88 -20.35 -14.40
C GLU A 320 -32.96 -19.41 -14.89
N ASN A 321 -33.21 -19.43 -16.20
CA ASN A 321 -34.25 -18.63 -16.86
C ASN A 321 -35.57 -18.64 -16.11
N LEU A 322 -36.09 -19.82 -15.78
CA LEU A 322 -37.38 -19.85 -15.16
C LEU A 322 -37.30 -19.68 -13.64
N LEU A 323 -36.12 -19.82 -13.03
CA LEU A 323 -35.93 -19.46 -11.60
C LEU A 323 -36.17 -17.92 -11.52
N GLU A 324 -35.59 -17.16 -12.48
CA GLU A 324 -35.76 -15.72 -12.70
C GLU A 324 -37.25 -15.40 -12.92
N PHE A 325 -38.00 -16.21 -13.73
CA PHE A 325 -39.44 -16.01 -13.93
C PHE A 325 -40.15 -16.04 -12.59
N ALA A 326 -39.85 -17.05 -11.74
CA ALA A 326 -40.49 -17.25 -10.45
C ALA A 326 -40.42 -16.01 -9.57
N GLN A 327 -39.27 -15.31 -9.61
CA GLN A 327 -39.07 -14.05 -8.90
C GLN A 327 -39.78 -12.87 -9.61
N LYS A 328 -39.76 -12.85 -10.95
CA LYS A 328 -40.42 -11.83 -11.80
C LYS A 328 -41.97 -11.91 -11.68
N TRP A 329 -42.47 -13.08 -11.24
CA TRP A 329 -43.88 -13.41 -10.97
C TRP A 329 -44.17 -12.89 -9.57
N GLN A 330 -43.20 -13.07 -8.63
CA GLN A 330 -43.26 -12.64 -7.23
C GLN A 330 -43.31 -11.09 -7.10
N ASP A 331 -43.01 -10.36 -8.20
CA ASP A 331 -43.07 -8.90 -8.26
C ASP A 331 -44.54 -8.49 -8.34
N LEU A 332 -45.24 -9.02 -9.36
CA LEU A 332 -46.68 -8.81 -9.65
C LEU A 332 -47.54 -8.91 -8.37
N THR A 333 -47.10 -9.76 -7.40
CA THR A 333 -47.78 -10.03 -6.12
C THR A 333 -47.66 -8.80 -5.16
N ASN A 334 -46.67 -8.81 -4.23
CA ASN A 334 -46.46 -7.75 -3.23
C ASN A 334 -46.01 -6.41 -3.85
N LEU B 14 13.94 -6.91 -31.67
CA LEU B 14 14.79 -7.76 -30.83
C LEU B 14 14.42 -7.64 -29.31
N PRO B 15 13.21 -8.10 -28.86
CA PRO B 15 12.84 -7.94 -27.44
C PRO B 15 13.17 -9.12 -26.54
N ASN B 16 13.79 -8.84 -25.39
CA ASN B 16 14.20 -9.87 -24.42
C ASN B 16 13.95 -9.46 -22.98
N ILE B 17 14.10 -10.43 -22.06
CA ILE B 17 13.89 -10.19 -20.64
C ILE B 17 15.24 -9.95 -19.93
N TYR B 18 15.55 -8.67 -19.68
CA TYR B 18 16.81 -8.24 -19.09
C TYR B 18 16.79 -8.11 -17.59
N THR B 19 17.90 -8.52 -16.95
CA THR B 19 18.10 -8.48 -15.49
C THR B 19 18.97 -7.28 -15.10
N ASP B 20 19.95 -6.95 -15.94
CA ASP B 20 20.88 -5.84 -15.75
C ASP B 20 21.03 -5.15 -17.10
N ILE B 21 21.12 -3.80 -17.10
CA ILE B 21 21.24 -2.99 -18.33
C ILE B 21 22.34 -1.94 -18.23
N GLU B 22 23.05 -1.71 -19.34
CA GLU B 22 24.10 -0.69 -19.44
C GLU B 22 23.51 0.44 -20.28
N ILE B 23 23.39 1.64 -19.68
CA ILE B 23 22.73 2.80 -20.29
C ILE B 23 23.61 4.00 -20.54
N ASN B 24 23.30 4.69 -21.64
CA ASN B 24 23.94 5.94 -22.02
C ASN B 24 22.97 7.03 -21.55
N TYR B 25 23.34 7.79 -20.50
CA TYR B 25 22.44 8.76 -19.88
C TYR B 25 22.86 10.24 -19.94
N PHE B 26 21.95 11.08 -19.44
CA PHE B 26 22.08 12.52 -19.27
C PHE B 26 21.11 12.96 -18.18
N LEU B 27 21.59 13.82 -17.28
CA LEU B 27 20.78 14.33 -16.18
C LEU B 27 20.30 15.78 -16.39
N LEU B 28 19.25 16.20 -15.65
CA LEU B 28 18.70 17.55 -15.67
C LEU B 28 19.59 18.35 -14.72
N ARG B 29 19.71 19.67 -14.88
CA ARG B 29 20.57 20.39 -13.94
C ARG B 29 19.85 20.64 -12.64
N ARG B 30 18.58 21.04 -12.73
CA ARG B 30 17.71 21.24 -11.58
C ARG B 30 16.36 20.45 -11.78
N LEU B 31 15.61 20.22 -10.70
CA LEU B 31 14.34 19.46 -10.76
C LEU B 31 13.25 20.23 -11.51
N LEU B 32 12.23 19.54 -12.06
CA LEU B 32 11.17 20.24 -12.82
C LEU B 32 10.26 21.03 -11.87
N GLY B 33 9.83 22.19 -12.34
CA GLY B 33 8.92 23.03 -11.58
C GLY B 33 9.40 24.46 -11.43
N VAL B 34 8.53 25.31 -10.90
CA VAL B 34 8.77 26.74 -10.71
C VAL B 34 8.28 27.13 -9.32
N LYS B 35 9.22 27.31 -8.37
CA LYS B 35 8.92 27.71 -6.98
C LYS B 35 8.35 29.15 -6.94
N THR B 36 7.21 29.35 -6.23
CA THR B 36 6.46 30.63 -6.12
C THR B 36 7.26 31.79 -5.51
N ASP B 37 8.19 31.49 -4.57
CA ASP B 37 9.07 32.48 -3.95
C ASP B 37 10.11 33.03 -4.94
N GLY B 38 10.26 32.34 -6.08
CA GLY B 38 11.18 32.66 -7.15
C GLY B 38 12.49 31.90 -7.06
N GLN B 39 12.67 31.14 -5.97
CA GLN B 39 13.88 30.36 -5.70
C GLN B 39 14.00 29.19 -6.69
N LYS B 40 15.24 28.94 -7.14
CA LYS B 40 15.62 27.87 -8.05
C LYS B 40 15.27 26.48 -7.50
N GLN B 41 14.91 25.54 -8.40
CA GLN B 41 14.63 24.16 -8.01
C GLN B 41 15.94 23.51 -7.67
N ALA B 42 15.91 22.49 -6.81
CA ALA B 42 17.13 21.83 -6.37
C ALA B 42 17.95 21.24 -7.51
N LYS B 43 19.27 21.40 -7.45
CA LYS B 43 20.19 20.87 -8.45
C LYS B 43 20.20 19.33 -8.33
N VAL B 44 20.01 18.63 -9.46
CA VAL B 44 20.02 17.17 -9.59
C VAL B 44 21.48 16.76 -9.43
N ARG B 45 21.74 15.86 -8.48
CA ARG B 45 23.10 15.42 -8.17
C ARG B 45 23.54 14.18 -8.95
N LYS B 46 24.87 14.02 -9.12
CA LYS B 46 25.59 12.91 -9.78
C LYS B 46 24.98 11.58 -9.37
N LEU B 47 24.66 10.70 -10.33
CA LEU B 47 24.08 9.43 -9.88
C LEU B 47 25.17 8.56 -9.29
N GLU B 48 25.05 8.33 -7.98
CA GLU B 48 25.96 7.60 -7.11
C GLU B 48 25.68 6.09 -7.14
N PRO B 49 26.71 5.22 -6.96
CA PRO B 49 26.45 3.77 -6.91
C PRO B 49 25.76 3.34 -5.63
N ASN B 50 25.03 2.22 -5.69
CA ASN B 50 24.27 1.59 -4.60
C ASN B 50 23.13 2.48 -4.10
N GLU B 51 22.47 3.08 -5.09
CA GLU B 51 21.32 3.95 -5.01
C GLU B 51 20.26 3.22 -5.80
N VAL B 52 19.04 3.13 -5.27
CA VAL B 52 18.02 2.44 -6.02
C VAL B 52 17.09 3.47 -6.63
N LEU B 53 17.17 3.60 -7.96
CA LEU B 53 16.38 4.56 -8.73
C LEU B 53 15.12 3.86 -9.20
N MET B 54 14.20 4.61 -9.82
CA MET B 54 12.99 4.10 -10.47
C MET B 54 13.16 4.40 -11.94
N VAL B 55 13.14 3.36 -12.72
CA VAL B 55 13.34 3.41 -14.15
C VAL B 55 12.00 3.12 -14.85
N ASN B 56 11.65 3.95 -15.83
CA ASN B 56 10.45 3.78 -16.64
C ASN B 56 10.93 3.27 -18.01
N ILE B 57 10.83 1.94 -18.18
CA ILE B 57 11.23 1.22 -19.39
C ILE B 57 9.93 0.85 -20.07
N GLY B 58 9.44 1.73 -20.93
CA GLY B 58 8.14 1.58 -21.59
C GLY B 58 7.02 1.67 -20.57
N SER B 59 6.12 0.67 -20.57
CA SER B 59 4.98 0.56 -19.65
C SER B 59 5.47 0.21 -18.24
N THR B 60 6.51 -0.68 -18.18
CA THR B 60 7.22 -1.15 -17.00
C THR B 60 7.81 0.05 -16.19
N ALA B 61 7.53 0.03 -14.87
CA ALA B 61 8.05 0.92 -13.84
C ALA B 61 8.75 -0.04 -12.88
N THR B 62 10.08 -0.09 -12.94
CA THR B 62 10.88 -1.01 -12.12
C THR B 62 11.94 -0.24 -11.38
N GLY B 63 12.43 -0.83 -10.31
CA GLY B 63 13.51 -0.26 -9.53
C GLY B 63 14.82 -0.75 -10.10
N ALA B 64 15.87 0.11 -10.07
CA ALA B 64 17.19 -0.27 -10.55
C ALA B 64 18.27 0.27 -9.69
N ARG B 65 19.14 -0.64 -9.27
CA ARG B 65 20.31 -0.39 -8.44
C ARG B 65 21.43 0.03 -9.38
N VAL B 66 22.21 1.04 -8.97
CA VAL B 66 23.32 1.57 -9.75
C VAL B 66 24.57 0.85 -9.27
N VAL B 67 25.16 0.02 -10.13
CA VAL B 67 26.32 -0.78 -9.73
C VAL B 67 27.64 -0.05 -10.07
N ALA B 68 27.68 0.77 -11.15
CA ALA B 68 28.85 1.54 -11.58
C ALA B 68 28.47 2.73 -12.51
N VAL B 69 29.37 3.73 -12.62
CA VAL B 69 29.21 4.94 -13.46
C VAL B 69 30.60 5.32 -14.03
N LYS B 70 30.64 5.70 -15.34
CA LYS B 70 31.87 6.10 -16.02
C LYS B 70 31.85 7.60 -16.29
N ALA B 71 30.90 8.05 -17.13
CA ALA B 71 30.72 9.45 -17.49
C ALA B 71 29.29 9.58 -17.92
N ASP B 72 29.04 9.41 -19.22
CA ASP B 72 27.70 9.44 -19.80
C ASP B 72 27.18 8.00 -19.88
N MET B 73 27.80 7.07 -19.10
CA MET B 73 27.48 5.65 -19.04
C MET B 73 27.37 5.11 -17.61
N ALA B 74 26.38 4.21 -17.37
CA ALA B 74 26.15 3.56 -16.07
C ALA B 74 25.51 2.16 -16.19
N ARG B 75 25.99 1.17 -15.39
CA ARG B 75 25.39 -0.17 -15.40
C ARG B 75 24.41 -0.32 -14.22
N LEU B 76 23.17 -0.77 -14.54
CA LEU B 76 22.07 -0.89 -13.60
C LEU B 76 21.56 -2.31 -13.44
N GLN B 77 21.43 -2.78 -12.18
CA GLN B 77 20.91 -4.08 -11.83
C GLN B 77 19.47 -3.88 -11.37
N LEU B 78 18.51 -4.20 -12.26
CA LEU B 78 17.07 -4.07 -11.99
C LEU B 78 16.62 -4.92 -10.78
N THR B 79 15.45 -4.58 -10.21
CA THR B 79 14.88 -5.24 -9.03
C THR B 79 14.19 -6.55 -9.39
N SER B 80 13.57 -6.60 -10.59
CA SER B 80 12.89 -7.75 -11.21
C SER B 80 13.05 -7.60 -12.74
N PRO B 81 13.05 -8.69 -13.54
CA PRO B 81 13.33 -8.55 -14.98
C PRO B 81 12.34 -7.74 -15.79
N ALA B 82 12.84 -6.99 -16.79
CA ALA B 82 12.00 -6.18 -17.68
C ALA B 82 12.08 -6.60 -19.15
N CYS B 83 10.97 -6.43 -19.87
CA CYS B 83 10.82 -6.73 -21.30
C CYS B 83 11.16 -5.51 -22.17
N THR B 84 12.38 -5.50 -22.75
CA THR B 84 12.79 -4.44 -23.67
C THR B 84 13.71 -4.91 -24.77
N GLU B 85 14.06 -3.97 -25.66
CA GLU B 85 14.98 -4.11 -26.77
C GLU B 85 16.13 -3.18 -26.44
N ILE B 86 17.27 -3.36 -27.11
CA ILE B 86 18.43 -2.48 -26.99
C ILE B 86 18.00 -1.20 -27.76
N ASN B 87 18.51 -0.02 -27.32
CA ASN B 87 18.25 1.33 -27.84
C ASN B 87 16.88 1.91 -27.43
N GLU B 88 16.22 1.28 -26.46
CA GLU B 88 14.93 1.76 -25.94
C GLU B 88 15.21 2.99 -25.09
N LYS B 89 14.30 4.00 -25.13
CA LYS B 89 14.41 5.23 -24.33
C LYS B 89 13.89 5.00 -22.91
N ILE B 90 14.68 5.39 -21.91
CA ILE B 90 14.38 5.17 -20.51
C ILE B 90 14.30 6.50 -19.73
N ALA B 91 13.50 6.51 -18.65
CA ALA B 91 13.35 7.68 -17.78
C ALA B 91 13.82 7.38 -16.35
N LEU B 92 14.90 8.07 -15.93
CA LEU B 92 15.53 7.93 -14.61
C LEU B 92 14.85 8.84 -13.55
N SER B 93 14.45 8.25 -12.40
CA SER B 93 13.78 8.95 -11.30
C SER B 93 14.41 8.68 -9.92
N ARG B 94 14.39 9.70 -9.02
CA ARG B 94 14.97 9.68 -7.67
C ARG B 94 14.02 10.15 -6.57
N ARG B 95 14.07 9.45 -5.41
CA ARG B 95 13.28 9.74 -4.21
C ARG B 95 13.81 11.04 -3.62
N ILE B 96 13.06 12.14 -3.79
CA ILE B 96 13.48 13.44 -3.27
C ILE B 96 12.33 14.04 -2.54
N GLU B 97 12.51 14.38 -1.24
CA GLU B 97 11.48 14.95 -0.36
C GLU B 97 10.21 14.09 -0.37
N LYS B 98 10.42 12.75 -0.41
CA LYS B 98 9.43 11.67 -0.42
C LYS B 98 8.47 11.83 -1.63
N HIS B 99 9.07 11.96 -2.83
CA HIS B 99 8.46 12.04 -4.16
C HIS B 99 9.38 11.38 -5.19
N TRP B 100 8.80 10.71 -6.21
CA TRP B 100 9.60 10.18 -7.31
C TRP B 100 9.78 11.29 -8.34
N ARG B 101 10.94 11.92 -8.28
CA ARG B 101 11.24 13.05 -9.12
C ARG B 101 12.13 12.63 -10.27
N LEU B 102 11.77 13.06 -11.50
CA LEU B 102 12.51 12.80 -12.74
C LEU B 102 13.86 13.50 -12.67
N ILE B 103 14.95 12.73 -12.82
CA ILE B 103 16.29 13.29 -12.78
C ILE B 103 16.97 13.35 -14.16
N GLY B 104 16.66 12.39 -15.03
CA GLY B 104 17.25 12.33 -16.37
C GLY B 104 16.65 11.28 -17.27
N TRP B 105 17.35 11.00 -18.38
CA TRP B 105 16.93 10.04 -19.41
C TRP B 105 18.10 9.19 -19.92
N ALA B 106 17.83 8.10 -20.68
CA ALA B 106 18.85 7.20 -21.23
C ALA B 106 18.40 6.26 -22.38
N THR B 107 19.37 5.50 -22.94
CA THR B 107 19.19 4.49 -23.97
C THR B 107 19.97 3.22 -23.58
N ILE B 108 19.32 2.03 -23.69
CA ILE B 108 19.99 0.75 -23.39
C ILE B 108 21.03 0.44 -24.50
N LYS B 109 22.31 0.31 -24.13
CA LYS B 109 23.37 0.05 -25.12
C LYS B 109 23.82 -1.41 -25.09
N LYS B 110 23.74 -2.05 -23.89
CA LYS B 110 24.10 -3.46 -23.60
C LYS B 110 23.16 -3.93 -22.48
N GLY B 111 22.88 -5.23 -22.44
CA GLY B 111 22.00 -5.78 -21.42
C GLY B 111 22.10 -7.29 -21.27
N THR B 112 22.15 -7.75 -20.01
CA THR B 112 22.26 -9.18 -19.71
C THR B 112 20.88 -9.78 -19.42
N THR B 113 20.54 -10.81 -20.20
CA THR B 113 19.27 -11.55 -20.19
C THR B 113 19.18 -12.57 -19.06
N LEU B 114 17.96 -13.08 -18.79
CA LEU B 114 17.74 -14.13 -17.80
C LEU B 114 18.17 -15.50 -18.40
N GLU B 115 17.92 -15.72 -19.72
CA GLU B 115 18.29 -16.95 -20.41
C GLU B 115 19.66 -16.81 -21.10
#